data_4E6R
#
_entry.id   4E6R
#
_cell.length_a   108.398
_cell.length_b   108.398
_cell.length_c   68.199
_cell.angle_alpha   90.000
_cell.angle_beta   90.000
_cell.angle_gamma   120.000
#
_symmetry.space_group_name_H-M   'P 65 2 2'
#
loop_
_entity.id
_entity.type
_entity.pdbx_description
1 polymer 'Cytoplasmic protein NCK2'
2 non-polymer 'ZINC ION'
3 non-polymer IMIDAZOLE
4 non-polymer 'UNKNOWN LIGAND'
5 water water
#
_entity_poly.entity_id   1
_entity_poly.type   'polypeptide(L)'
_entity_poly.pdbx_seq_one_letter_code
;(DMG)IPAFV(MLY)FAYVAEREDELSLV(MLY)GSRVTV(MSE)E(MLY)CSDGWWRGSYNGQIGWFPSNYVLEEVD
;
_entity_poly.pdbx_strand_id   A,B
#
# COMPACT_ATOMS: atom_id res chain seq x y z
N ILE A 2 -16.32 5.23 -2.32
CA ILE A 2 -17.43 5.22 -1.28
C ILE A 2 -17.03 5.53 0.18
N PRO A 3 -17.49 6.64 0.74
CA PRO A 3 -17.00 6.92 2.09
C PRO A 3 -17.69 6.12 3.24
N ALA A 4 -16.96 5.89 4.32
CA ALA A 4 -17.44 5.21 5.52
C ALA A 4 -16.85 5.94 6.74
N PHE A 5 -17.52 5.78 7.89
CA PHE A 5 -17.10 6.39 9.15
C PHE A 5 -16.56 5.30 10.09
N VAL A 6 -15.43 5.55 10.73
CA VAL A 6 -14.86 4.60 11.71
C VAL A 6 -15.68 4.71 12.99
N PHE A 8 -15.24 2.05 15.38
CA PHE A 8 -14.30 1.46 16.34
C PHE A 8 -12.85 1.59 15.85
N ALA A 9 -11.96 1.92 16.78
CA ALA A 9 -10.53 2.03 16.54
C ALA A 9 -10.00 0.68 16.05
N TYR A 10 -9.04 0.71 15.11
CA TYR A 10 -8.36 -0.52 14.68
C TYR A 10 -6.87 -0.23 14.47
N VAL A 11 -6.01 -1.01 15.13
CA VAL A 11 -4.58 -0.87 15.00
C VAL A 11 -4.16 -1.92 13.96
N ALA A 12 -3.59 -1.49 12.83
CA ALA A 12 -3.17 -2.41 11.76
C ALA A 12 -2.31 -3.52 12.38
N GLU A 13 -2.51 -4.77 11.96
CA GLU A 13 -1.83 -5.95 12.51
C GLU A 13 -0.93 -6.63 11.47
N ARG A 14 -1.04 -6.20 10.23
CA ARG A 14 -0.14 -6.63 9.16
C ARG A 14 0.21 -5.41 8.34
N GLU A 15 1.30 -5.47 7.60
CA GLU A 15 1.80 -4.27 6.94
C GLU A 15 0.87 -3.71 5.82
N ASP A 16 -0.06 -4.52 5.32
CA ASP A 16 -0.94 -4.14 4.20
C ASP A 16 -2.32 -3.74 4.72
N GLU A 17 -2.43 -3.59 6.06
CA GLU A 17 -3.66 -3.13 6.71
C GLU A 17 -3.60 -1.64 7.02
N LEU A 18 -4.79 -1.05 7.16
CA LEU A 18 -4.95 0.36 7.47
C LEU A 18 -5.41 0.50 8.94
N SER A 19 -4.68 1.26 9.74
CA SER A 19 -5.16 1.65 11.05
C SER A 19 -6.34 2.64 10.91
N LEU A 20 -7.37 2.41 11.72
CA LEU A 20 -8.59 3.20 11.68
C LEU A 20 -8.67 4.05 12.96
N VAL A 21 -8.89 5.35 12.82
CA VAL A 21 -9.08 6.23 13.98
C VAL A 21 -10.59 6.49 14.24
N GLY A 23 -14.02 7.83 14.63
CA GLY A 23 -14.64 9.10 14.23
C GLY A 23 -14.20 9.68 12.88
N SER A 24 -13.14 9.14 12.28
CA SER A 24 -12.63 9.66 11.01
C SER A 24 -13.43 9.17 9.80
N ARG A 25 -13.17 9.74 8.62
CA ARG A 25 -13.79 9.29 7.40
C ARG A 25 -12.73 8.56 6.54
N VAL A 26 -13.04 7.32 6.13
CA VAL A 26 -12.20 6.57 5.19
C VAL A 26 -12.90 6.49 3.81
N THR A 27 -12.11 6.36 2.75
CA THR A 27 -12.64 6.14 1.40
C THR A 27 -12.47 4.64 1.10
N VAL A 28 -13.59 3.96 0.87
CA VAL A 28 -13.58 2.54 0.56
C VAL A 28 -13.44 2.38 -0.95
N GLU A 30 -12.70 -0.87 -2.35
CA GLU A 30 -12.89 -2.24 -2.70
C GLU A 30 -13.47 -3.03 -1.53
N CYS A 32 -14.57 -7.12 -0.26
CA CYS A 32 -14.47 -8.57 -0.48
CA CYS A 32 -14.44 -8.57 -0.46
C CYS A 32 -15.56 -9.33 0.26
N SER A 33 -16.02 -10.42 -0.33
CA SER A 33 -17.15 -11.15 0.23
C SER A 33 -16.87 -11.68 1.62
N ASP A 34 -15.61 -11.75 2.06
CA ASP A 34 -15.32 -12.21 3.40
C ASP A 34 -15.34 -11.03 4.44
N GLY A 35 -15.63 -9.80 4.02
CA GLY A 35 -15.77 -8.69 4.94
C GLY A 35 -14.54 -7.84 5.17
N TRP A 36 -13.45 -8.10 4.45
CA TRP A 36 -12.30 -7.23 4.45
C TRP A 36 -12.52 -6.20 3.39
N TRP A 37 -12.28 -4.93 3.72
CA TRP A 37 -12.44 -3.86 2.71
C TRP A 37 -11.14 -3.19 2.57
N ARG A 38 -10.87 -2.61 1.41
CA ARG A 38 -9.64 -1.83 1.18
C ARG A 38 -10.03 -0.37 1.01
N GLY A 39 -9.33 0.52 1.71
CA GLY A 39 -9.59 1.95 1.59
C GLY A 39 -8.39 2.83 1.87
N SER A 40 -8.61 4.15 1.86
CA SER A 40 -7.55 5.12 2.10
C SER A 40 -7.96 6.11 3.21
N TYR A 41 -6.96 6.57 3.97
CA TYR A 41 -7.11 7.55 5.03
C TYR A 41 -5.78 8.30 5.17
N ASN A 42 -5.83 9.64 5.02
CA ASN A 42 -4.69 10.52 5.38
C ASN A 42 -3.37 10.09 4.68
N GLY A 43 -3.49 9.76 3.39
CA GLY A 43 -2.35 9.31 2.57
C GLY A 43 -1.89 7.87 2.73
N GLN A 44 -2.69 7.03 3.37
CA GLN A 44 -2.39 5.62 3.61
C GLN A 44 -3.49 4.79 2.96
N ILE A 45 -3.12 3.62 2.48
CA ILE A 45 -4.03 2.72 1.82
C ILE A 45 -3.82 1.36 2.45
N GLY A 46 -4.89 0.59 2.61
CA GLY A 46 -4.79 -0.76 3.11
C GLY A 46 -6.12 -1.37 3.50
N TRP A 47 -6.01 -2.61 3.98
CA TRP A 47 -7.16 -3.45 4.35
C TRP A 47 -7.58 -3.29 5.79
N PHE A 48 -8.88 -3.37 6.01
CA PHE A 48 -9.44 -3.30 7.35
C PHE A 48 -10.70 -4.15 7.44
N PRO A 49 -11.09 -4.58 8.67
CA PRO A 49 -12.34 -5.35 8.78
C PRO A 49 -13.54 -4.44 8.75
N SER A 50 -14.45 -4.74 7.84
CA SER A 50 -15.57 -3.85 7.50
C SER A 50 -16.49 -3.53 8.67
N ASN A 51 -16.67 -4.45 9.60
CA ASN A 51 -17.53 -4.24 10.78
C ASN A 51 -16.93 -3.23 11.81
N TYR A 52 -15.79 -2.60 11.53
CA TYR A 52 -15.27 -1.45 12.33
C TYR A 52 -15.78 -0.10 11.79
N VAL A 53 -16.37 -0.14 10.60
CA VAL A 53 -16.86 1.06 9.92
C VAL A 53 -18.35 0.92 9.58
N LEU A 54 -18.97 2.04 9.22
CA LEU A 54 -20.33 2.09 8.68
C LEU A 54 -20.33 2.96 7.44
N GLU A 55 -20.79 2.41 6.32
CA GLU A 55 -20.92 3.20 5.10
C GLU A 55 -21.87 4.38 5.37
N GLU A 56 -21.41 5.55 4.95
CA GLU A 56 -22.13 6.78 5.01
C GLU A 56 -23.46 6.62 4.29
N VAL A 57 -24.49 7.12 4.94
CA VAL A 57 -25.78 7.18 4.37
C VAL A 57 -25.94 8.72 4.30
N ASP A 58 -26.01 9.26 3.08
CA ASP A 58 -26.08 10.72 2.81
C ASP A 58 -27.52 11.04 2.41
N ILE B 2 16.87 1.58 2.58
CA ILE B 2 17.94 1.50 1.52
C ILE B 2 17.61 2.07 0.11
N PRO B 3 18.48 2.96 -0.44
CA PRO B 3 18.18 3.45 -1.79
C PRO B 3 18.50 2.45 -2.92
N ALA B 4 17.63 2.44 -3.91
CA ALA B 4 17.82 1.78 -5.18
C ALA B 4 17.38 2.71 -6.33
N PHE B 5 17.99 2.48 -7.48
CA PHE B 5 17.80 3.35 -8.62
CA PHE B 5 17.88 3.31 -8.66
C PHE B 5 17.17 2.50 -9.74
N VAL B 6 16.13 3.07 -10.39
CA VAL B 6 15.36 2.35 -11.41
C VAL B 6 16.08 2.27 -12.76
N PHE B 8 14.94 0.19 -15.35
CA PHE B 8 13.94 -0.09 -16.38
C PHE B 8 12.62 0.30 -15.80
N ALA B 9 11.77 0.88 -16.67
CA ALA B 9 10.45 1.34 -16.28
C ALA B 9 9.58 0.13 -15.95
N TYR B 10 8.70 0.30 -14.96
CA TYR B 10 7.77 -0.76 -14.57
C TYR B 10 6.40 -0.22 -14.29
N VAL B 11 5.40 -0.72 -15.02
CA VAL B 11 4.01 -0.31 -14.79
C VAL B 11 3.40 -1.28 -13.76
N ALA B 12 2.91 -0.76 -12.62
CA ALA B 12 2.24 -1.55 -11.61
C ALA B 12 1.14 -2.41 -12.31
N GLU B 13 1.16 -3.72 -12.08
CA GLU B 13 0.17 -4.59 -12.69
C GLU B 13 -0.85 -5.10 -11.70
N ARG B 14 -0.60 -4.89 -10.43
CA ARG B 14 -1.57 -5.25 -9.38
C ARG B 14 -1.69 -4.05 -8.45
N GLU B 15 -2.76 -4.01 -7.66
CA GLU B 15 -3.07 -2.85 -6.84
C GLU B 15 -2.01 -2.59 -5.73
N ASP B 16 -1.26 -3.60 -5.31
CA ASP B 16 -0.24 -3.47 -4.24
C ASP B 16 1.21 -3.31 -4.83
N GLU B 17 1.31 -3.05 -6.12
CA GLU B 17 2.58 -2.86 -6.81
C GLU B 17 2.89 -1.39 -6.99
N LEU B 18 4.17 -1.09 -7.15
CA LEU B 18 4.65 0.26 -7.31
C LEU B 18 5.10 0.39 -8.75
N SER B 19 4.62 1.42 -9.43
CA SER B 19 5.19 1.79 -10.72
C SER B 19 6.56 2.44 -10.53
N LEU B 20 7.54 2.00 -11.32
CA LEU B 20 8.92 2.53 -11.31
C LEU B 20 9.19 3.47 -12.50
N VAL B 21 9.53 4.73 -12.21
CA VAL B 21 10.02 5.68 -13.20
C VAL B 21 11.56 5.48 -13.46
N GLY B 23 15.30 5.91 -13.96
CA GLY B 23 16.21 6.94 -13.45
C GLY B 23 15.96 7.47 -12.04
N SER B 24 14.82 7.10 -11.44
CA SER B 24 14.39 7.61 -10.15
C SER B 24 14.99 6.80 -8.99
N ARG B 25 14.96 7.41 -7.81
CA ARG B 25 15.46 6.79 -6.58
C ARG B 25 14.26 6.27 -5.76
N VAL B 26 14.27 4.98 -5.43
CA VAL B 26 13.26 4.38 -4.54
C VAL B 26 13.90 3.91 -3.22
N THR B 27 13.10 3.87 -2.16
CA THR B 27 13.55 3.44 -0.86
C THR B 27 12.99 2.07 -0.68
N VAL B 28 13.90 1.11 -0.57
CA VAL B 28 13.54 -0.28 -0.44
C VAL B 28 13.38 -0.52 1.06
N GLU B 30 11.87 -3.57 2.11
CA GLU B 30 11.75 -4.99 2.36
C GLU B 30 12.10 -5.78 1.11
N CYS B 32 12.25 -9.89 -0.52
CA CYS B 32 11.85 -11.30 -0.43
CA CYS B 32 11.80 -11.27 -0.43
C CYS B 32 12.72 -12.16 -1.33
N SER B 33 13.02 -13.37 -0.90
CA SER B 33 13.96 -14.22 -1.63
C SER B 33 13.50 -14.64 -3.04
N ASP B 34 12.27 -14.36 -3.43
CA ASP B 34 11.85 -14.64 -4.81
C ASP B 34 12.06 -13.45 -5.76
N GLY B 35 12.69 -12.37 -5.30
CA GLY B 35 13.04 -11.27 -6.20
C GLY B 35 12.09 -10.08 -6.20
N TRP B 36 10.92 -10.20 -5.52
CA TRP B 36 10.04 -9.07 -5.21
C TRP B 36 10.52 -8.31 -4.01
N TRP B 37 10.62 -6.99 -4.19
CA TRP B 37 10.96 -6.04 -3.14
C TRP B 37 9.84 -5.04 -2.98
N ARG B 38 9.78 -4.48 -1.80
CA ARG B 38 8.78 -3.51 -1.45
C ARG B 38 9.47 -2.23 -1.15
N GLY B 39 8.98 -1.14 -1.70
CA GLY B 39 9.63 0.15 -1.52
C GLY B 39 8.68 1.33 -1.64
N SER B 40 9.21 2.54 -1.48
CA SER B 40 8.39 3.72 -1.65
C SER B 40 8.99 4.73 -2.60
N TYR B 41 8.10 5.49 -3.24
CA TYR B 41 8.47 6.49 -4.23
C TYR B 41 7.40 7.57 -4.28
N ASN B 42 7.80 8.81 -3.97
CA ASN B 42 6.93 9.97 -4.09
C ASN B 42 5.56 9.69 -3.43
N GLY B 43 5.59 9.39 -2.13
CA GLY B 43 4.36 9.15 -1.37
C GLY B 43 3.79 7.75 -1.44
N GLN B 44 4.12 6.99 -2.49
CA GLN B 44 3.48 5.71 -2.75
C GLN B 44 4.29 4.52 -2.20
N ILE B 45 3.60 3.47 -1.76
CA ILE B 45 4.28 2.26 -1.29
C ILE B 45 3.78 1.04 -2.05
N GLY B 46 4.70 0.17 -2.45
CA GLY B 46 4.37 -0.99 -3.25
C GLY B 46 5.51 -1.94 -3.55
N TRP B 47 5.13 -3.12 -4.06
CA TRP B 47 6.03 -4.15 -4.54
C TRP B 47 6.42 -4.01 -5.98
N PHE B 48 7.63 -4.43 -6.30
CA PHE B 48 8.16 -4.35 -7.62
C PHE B 48 9.22 -5.44 -7.79
N PRO B 49 9.50 -5.82 -9.03
CA PRO B 49 10.51 -6.84 -9.23
C PRO B 49 11.91 -6.22 -9.16
N SER B 50 12.79 -6.85 -8.38
CA SER B 50 14.10 -6.28 -8.10
C SER B 50 15.06 -6.22 -9.29
N ASN B 51 14.82 -7.00 -10.34
CA ASN B 51 15.70 -6.96 -11.52
C ASN B 51 15.48 -5.69 -12.40
N TYR B 52 14.55 -4.82 -11.98
CA TYR B 52 14.33 -3.51 -12.60
C TYR B 52 15.10 -2.42 -11.87
N VAL B 53 15.73 -2.76 -10.73
CA VAL B 53 16.48 -1.78 -9.95
C VAL B 53 17.90 -2.17 -9.65
N LEU B 54 18.62 -1.20 -9.10
CA LEU B 54 20.00 -1.34 -8.72
C LEU B 54 20.20 -0.71 -7.35
N GLU B 55 20.58 -1.54 -6.40
CA GLU B 55 20.83 -1.15 -5.02
C GLU B 55 22.06 -0.21 -4.93
N GLU B 56 22.00 0.73 -3.99
CA GLU B 56 23.17 1.52 -3.55
C GLU B 56 23.50 1.26 -2.04
N VAL B 57 24.76 1.04 -1.74
CA VAL B 57 25.27 1.21 -0.36
C VAL B 57 26.71 1.76 -0.49
N ASP B 58 26.84 2.82 -1.31
CA ASP B 58 28.12 3.27 -1.90
C ASP B 58 28.84 4.39 -1.11
#